data_8VO4
#
_entry.id   8VO4
#
_cell.length_a   52.230
_cell.length_b   71.040
_cell.length_c   107.540
_cell.angle_alpha   90.000
_cell.angle_beta   90.000
_cell.angle_gamma   90.000
#
_symmetry.space_group_name_H-M   'P 21 21 21'
#
loop_
_entity.id
_entity.type
_entity.pdbx_description
1 polymer 'Mitogen-activated protein kinase 10'
2 non-polymer (4P)-4-{6-[(azetidin-1-yl)methyl]-5-(2-chloro-6-fluoroanilino)-1H-indazol-1-yl}-N-methylthiophene-2-carboxamide
3 water water
#
_entity_poly.entity_id   1
_entity_poly.type   'polypeptide(L)'
_entity_poly.pdbx_seq_one_letter_code
;MSLHFLYYCSEPTLDVKIAFCQGFDKQVDVSYIAKHYNMSKSKVDNQFYSVEVGDSTFTVLKRYQNLKPIGSGAQGIVCA
AYDAVLDRNVAIKKLSRPFQNQTHAKRAYRELVLMKCVNHKNIISLLNVFTPQKTLEEFQDVYLVMELMDANLCQVIQME
LDHERMSYLLYQMLCGIKHLHSAGIIHRDLKPSNIVVKSDCTLKILDFGLARTAGTSFMMTPYVVTRYYRAPEVILGMGY
KENVDIWSVGCIMGEMVRHKILFPGRDYIDQWNKVIEQLGTPCPEFMKKLQPTVRNYVENRPKYAGLTFPKLFPDSLFPA
DSEHNKLKASQARDLLSKMLVIDPAKRISVDDALQHPYINVWYDPAEVEAPPPQIYDKQLDEREHTIEEWKELIYKEVMN
SEEKTKNGVVKGQPSPSGAAVNSSESLPPSSSVNDISSMSTDQTLASDTDSSLEASAGPLGCCR
;
_entity_poly.pdbx_strand_id   A
#
# COMPACT_ATOMS: atom_id res chain seq x y z
N ASP A 45 27.74 -25.62 13.00
CA ASP A 45 27.56 -26.44 11.80
C ASP A 45 26.37 -25.95 10.97
N ASN A 46 25.16 -26.06 11.51
CA ASN A 46 24.02 -25.51 10.81
C ASN A 46 24.16 -23.99 10.71
N GLN A 47 23.81 -23.45 9.55
CA GLN A 47 23.77 -22.01 9.33
C GLN A 47 22.62 -21.33 10.08
N PHE A 48 21.62 -22.07 10.54
CA PHE A 48 20.38 -21.50 11.06
C PHE A 48 20.22 -21.84 12.54
N TYR A 49 19.44 -21.01 13.22
CA TYR A 49 18.93 -21.38 14.53
C TYR A 49 17.48 -20.93 14.62
N SER A 50 16.78 -21.42 15.64
CA SER A 50 15.36 -21.23 15.80
C SER A 50 15.05 -20.61 17.16
N VAL A 51 14.08 -19.72 17.16
CA VAL A 51 13.67 -19.04 18.38
C VAL A 51 12.17 -18.77 18.29
N GLU A 52 11.48 -18.97 19.41
CA GLU A 52 10.07 -18.69 19.48
C GLU A 52 9.88 -17.19 19.63
N VAL A 53 9.05 -16.61 18.76
CA VAL A 53 8.84 -15.17 18.74
C VAL A 53 7.35 -14.94 18.85
N GLY A 54 6.89 -14.50 20.02
CA GLY A 54 5.49 -14.27 20.27
C GLY A 54 4.69 -15.56 20.29
N ASP A 55 4.81 -16.36 19.23
CA ASP A 55 4.01 -17.55 19.07
C ASP A 55 4.54 -18.40 17.91
N SER A 56 5.19 -17.75 16.96
CA SER A 56 5.73 -18.38 15.77
C SER A 56 7.18 -18.79 16.02
N THR A 57 7.64 -19.77 15.25
CA THR A 57 9.04 -20.19 15.25
C THR A 57 9.78 -19.53 14.10
N PHE A 58 10.80 -18.75 14.40
CA PHE A 58 11.65 -18.16 13.39
C PHE A 58 12.95 -18.98 13.30
N THR A 59 13.20 -19.55 12.12
CA THR A 59 14.43 -20.29 11.84
C THR A 59 15.21 -19.44 10.86
N VAL A 60 16.21 -18.72 11.37
CA VAL A 60 16.90 -17.71 10.57
C VAL A 60 18.39 -18.00 10.57
N LEU A 61 19.07 -17.44 9.56
CA LEU A 61 20.52 -17.48 9.51
C LEU A 61 21.12 -16.87 10.78
N LYS A 62 22.30 -17.36 11.14
CA LYS A 62 22.91 -16.93 12.39
C LYS A 62 23.37 -15.49 12.40
N ARG A 63 23.56 -14.88 11.22
CA ARG A 63 23.87 -13.45 11.17
C ARG A 63 22.80 -12.60 11.84
N TYR A 64 21.54 -13.06 11.90
CA TYR A 64 20.45 -12.27 12.47
C TYR A 64 20.29 -12.58 13.96
N GLN A 65 20.46 -11.55 14.80
CA GLN A 65 20.48 -11.70 16.25
C GLN A 65 19.38 -10.87 16.90
N ASN A 66 18.99 -11.30 18.10
CA ASN A 66 18.15 -10.49 18.99
C ASN A 66 16.79 -10.19 18.35
N LEU A 67 16.16 -11.24 17.83
CA LEU A 67 14.84 -11.10 17.22
C LEU A 67 13.79 -10.69 18.24
N LYS A 68 12.88 -9.81 17.83
CA LYS A 68 11.74 -9.43 18.68
C LYS A 68 10.56 -8.95 17.83
N PRO A 69 9.35 -9.19 18.30
CA PRO A 69 8.18 -8.92 17.45
C PRO A 69 8.00 -7.42 17.23
N ILE A 70 7.40 -7.08 16.09
CA ILE A 70 7.09 -5.67 15.82
C ILE A 70 5.66 -5.55 15.29
N GLY A 71 4.90 -6.64 15.38
CA GLY A 71 3.53 -6.67 14.90
C GLY A 71 3.30 -7.77 13.89
N SER A 72 2.03 -8.07 13.62
CA SER A 72 1.68 -9.10 12.64
C SER A 72 0.96 -8.47 11.45
N GLY A 73 -0.22 -9.02 11.12
CA GLY A 73 -1.01 -8.48 10.04
C GLY A 73 -1.69 -9.54 9.21
N ALA A 74 -1.19 -9.77 8.00
CA ALA A 74 -1.68 -10.86 7.16
C ALA A 74 -0.72 -12.03 7.26
N GLN A 75 -0.48 -12.73 6.14
CA GLN A 75 0.31 -13.95 6.16
C GLN A 75 1.67 -13.77 6.81
N GLY A 76 1.81 -14.20 8.06
CA GLY A 76 3.09 -14.26 8.74
C GLY A 76 3.46 -13.06 9.59
N ILE A 77 3.97 -13.30 10.80
CA ILE A 77 4.40 -12.21 11.67
C ILE A 77 5.78 -11.79 11.18
N VAL A 78 6.21 -10.63 11.70
CA VAL A 78 7.53 -10.05 11.32
C VAL A 78 8.33 -9.83 12.60
N CYS A 79 9.65 -9.80 12.47
CA CYS A 79 10.52 -9.57 13.65
C CYS A 79 11.60 -8.54 13.33
N ALA A 80 12.04 -7.80 14.33
CA ALA A 80 13.21 -6.92 14.15
C ALA A 80 14.42 -7.74 14.56
N ALA A 81 15.58 -7.46 13.95
CA ALA A 81 16.78 -8.19 14.28
C ALA A 81 17.97 -7.28 13.99
N TYR A 82 19.08 -7.63 14.61
CA TYR A 82 20.38 -7.07 14.24
C TYR A 82 21.06 -8.04 13.29
N ASP A 83 21.50 -7.51 12.15
CA ASP A 83 22.22 -8.28 11.14
C ASP A 83 23.71 -8.07 11.39
N ALA A 84 24.34 -9.05 12.03
CA ALA A 84 25.74 -8.95 12.40
C ALA A 84 26.67 -8.88 11.19
N VAL A 85 26.21 -9.26 10.00
CA VAL A 85 27.08 -9.22 8.84
C VAL A 85 27.12 -7.84 8.22
N LEU A 86 25.97 -7.18 8.18
CA LEU A 86 25.93 -5.83 7.66
C LEU A 86 25.97 -4.79 8.76
N ASP A 87 25.93 -5.20 10.03
CA ASP A 87 26.01 -4.28 11.14
C ASP A 87 24.88 -3.26 11.09
N ARG A 88 23.63 -3.76 10.97
CA ARG A 88 22.49 -2.87 10.88
C ARG A 88 21.22 -3.61 11.23
N ASN A 89 20.20 -2.85 11.59
CA ASN A 89 18.94 -3.42 12.01
C ASN A 89 18.06 -3.73 10.80
N VAL A 90 17.46 -4.92 10.81
CA VAL A 90 16.66 -5.40 9.69
C VAL A 90 15.31 -5.86 10.23
N ALA A 91 14.35 -5.97 9.30
CA ALA A 91 13.08 -6.60 9.58
C ALA A 91 12.99 -7.88 8.76
N ILE A 92 12.48 -8.93 9.38
CA ILE A 92 12.43 -10.27 8.80
C ILE A 92 11.00 -10.76 8.83
N LYS A 93 10.48 -11.15 7.68
CA LYS A 93 9.11 -11.65 7.56
C LYS A 93 9.15 -13.12 7.18
N LYS A 94 8.39 -13.93 7.92
CA LYS A 94 8.20 -15.35 7.63
C LYS A 94 6.93 -15.56 6.82
N LEU A 95 7.08 -16.07 5.60
CA LEU A 95 5.97 -16.68 4.85
C LEU A 95 5.86 -18.15 5.20
N SER A 96 4.80 -18.54 5.91
CA SER A 96 4.64 -19.93 6.35
C SER A 96 3.93 -20.73 5.27
N ARG A 97 4.62 -21.67 4.63
CA ARG A 97 4.05 -22.51 3.60
C ARG A 97 3.22 -21.64 2.64
N PRO A 98 3.85 -20.69 1.95
CA PRO A 98 3.08 -19.76 1.11
C PRO A 98 2.34 -20.45 -0.04
N PHE A 99 2.70 -21.70 -0.35
CA PHE A 99 2.04 -22.44 -1.42
C PHE A 99 0.74 -23.12 -0.98
N GLN A 100 0.35 -22.98 0.30
CA GLN A 100 -0.76 -23.77 0.83
C GLN A 100 -2.08 -23.51 0.11
N ASN A 101 -2.25 -22.35 -0.55
CA ASN A 101 -3.44 -22.07 -1.35
C ASN A 101 -3.11 -21.00 -2.38
N GLN A 102 -4.00 -20.80 -3.35
CA GLN A 102 -3.70 -19.88 -4.47
C GLN A 102 -3.57 -18.43 -3.99
N THR A 103 -4.39 -17.98 -3.04
CA THR A 103 -4.22 -16.60 -2.61
C THR A 103 -2.81 -16.37 -2.07
N HIS A 104 -2.40 -17.16 -1.09
CA HIS A 104 -1.07 -16.97 -0.53
C HIS A 104 -0.01 -17.21 -1.61
N ALA A 105 -0.24 -18.21 -2.46
CA ALA A 105 0.71 -18.58 -3.50
C ALA A 105 0.93 -17.45 -4.49
N LYS A 106 -0.17 -16.96 -5.11
CA LYS A 106 -0.08 -15.91 -6.13
C LYS A 106 0.73 -14.71 -5.65
N ARG A 107 0.42 -14.20 -4.46
CA ARG A 107 1.08 -12.96 -4.10
C ARG A 107 2.49 -13.18 -3.56
N ALA A 108 2.77 -14.31 -2.93
CA ALA A 108 4.16 -14.58 -2.58
C ALA A 108 5.01 -14.67 -3.84
N TYR A 109 4.56 -15.44 -4.83
CA TYR A 109 5.27 -15.51 -6.10
C TYR A 109 5.37 -14.12 -6.73
N ARG A 110 4.22 -13.46 -6.92
CA ARG A 110 4.18 -12.12 -7.52
C ARG A 110 5.17 -11.19 -6.84
N GLU A 111 5.16 -11.15 -5.53
CA GLU A 111 6.01 -10.16 -4.88
C GLU A 111 7.49 -10.53 -5.00
N LEU A 112 7.83 -11.82 -5.01
CA LEU A 112 9.24 -12.18 -5.24
C LEU A 112 9.69 -11.78 -6.64
N VAL A 113 8.84 -11.99 -7.65
CA VAL A 113 9.16 -11.62 -9.02
C VAL A 113 9.20 -10.09 -9.18
N LEU A 114 8.23 -9.39 -8.61
CA LEU A 114 8.13 -7.95 -8.87
C LEU A 114 9.24 -7.16 -8.19
N MET A 115 9.71 -7.62 -7.04
CA MET A 115 10.87 -7.11 -6.32
C MET A 115 12.02 -6.79 -7.27
N LYS A 116 12.28 -7.66 -8.24
CA LYS A 116 13.41 -7.47 -9.13
C LYS A 116 13.11 -6.50 -10.28
N CYS A 117 11.85 -6.10 -10.47
CA CYS A 117 11.50 -5.17 -11.54
C CYS A 117 11.50 -3.72 -11.10
N VAL A 118 11.63 -3.44 -9.80
CA VAL A 118 11.64 -2.07 -9.30
C VAL A 118 12.95 -1.82 -8.55
N ASN A 119 13.38 -0.55 -8.58
CA ASN A 119 14.60 -0.11 -7.90
C ASN A 119 14.41 1.37 -7.58
N HIS A 120 13.89 1.66 -6.40
CA HIS A 120 13.51 3.02 -6.07
C HIS A 120 13.37 3.14 -4.56
N LYS A 121 13.82 4.27 -4.03
CA LYS A 121 13.96 4.40 -2.57
C LYS A 121 12.63 4.49 -1.84
N ASN A 122 11.54 4.78 -2.54
CA ASN A 122 10.24 4.75 -1.87
C ASN A 122 9.53 3.40 -2.03
N ILE A 123 10.20 2.42 -2.62
CA ILE A 123 9.62 1.10 -2.82
C ILE A 123 10.50 0.06 -2.15
N ILE A 124 9.86 -0.95 -1.56
CA ILE A 124 10.62 -1.99 -0.87
C ILE A 124 11.73 -2.53 -1.77
N SER A 125 12.89 -2.74 -1.16
CA SER A 125 13.96 -3.55 -1.74
C SER A 125 14.43 -4.53 -0.69
N LEU A 126 14.65 -5.79 -1.08
CA LEU A 126 15.01 -6.80 -0.11
C LEU A 126 16.53 -6.86 0.06
N LEU A 127 16.95 -7.09 1.31
CA LEU A 127 18.36 -7.33 1.64
C LEU A 127 18.72 -8.80 1.51
N ASN A 128 17.78 -9.70 1.77
CA ASN A 128 18.04 -11.13 1.73
C ASN A 128 16.71 -11.85 1.56
N VAL A 129 16.77 -13.05 0.97
CA VAL A 129 15.68 -13.99 0.88
C VAL A 129 16.28 -15.36 1.15
N PHE A 130 15.68 -16.15 2.04
CA PHE A 130 16.26 -17.47 2.29
C PHE A 130 15.18 -18.41 2.79
N THR A 131 15.42 -19.71 2.59
CA THR A 131 14.69 -20.75 3.27
C THR A 131 15.68 -21.60 4.03
N PRO A 132 15.34 -22.04 5.25
CA PRO A 132 16.21 -23.00 5.94
C PRO A 132 16.02 -24.42 5.46
N GLN A 133 15.05 -24.67 4.58
CA GLN A 133 14.87 -25.99 3.98
C GLN A 133 15.97 -26.26 2.97
N LYS A 134 16.41 -27.52 2.93
CA LYS A 134 17.52 -27.90 2.08
C LYS A 134 17.12 -28.34 0.67
N THR A 135 15.87 -28.76 0.44
CA THR A 135 15.47 -29.30 -0.86
C THR A 135 14.08 -28.82 -1.22
N LEU A 136 13.71 -28.99 -2.49
CA LEU A 136 12.32 -28.73 -2.87
C LEU A 136 11.37 -29.58 -2.03
N GLU A 137 11.75 -30.82 -1.76
CA GLU A 137 10.89 -31.74 -1.02
C GLU A 137 10.59 -31.20 0.38
N GLU A 138 11.62 -30.83 1.12
CA GLU A 138 11.44 -30.37 2.48
C GLU A 138 10.96 -28.93 2.54
N PHE A 139 11.03 -28.19 1.43
CA PHE A 139 10.77 -26.76 1.44
C PHE A 139 9.44 -26.44 2.12
N GLN A 140 9.47 -25.41 2.97
CA GLN A 140 8.31 -25.07 3.80
C GLN A 140 8.09 -23.56 3.89
N ASP A 141 9.11 -22.83 4.32
CA ASP A 141 9.00 -21.42 4.70
C ASP A 141 9.98 -20.58 3.89
N VAL A 142 9.57 -19.34 3.66
CA VAL A 142 10.40 -18.32 3.02
C VAL A 142 10.56 -17.20 4.02
N TYR A 143 11.78 -16.69 4.15
CA TYR A 143 12.05 -15.51 4.98
C TYR A 143 12.53 -14.37 4.09
N LEU A 144 11.94 -13.20 4.27
CA LEU A 144 12.33 -11.98 3.56
C LEU A 144 12.91 -10.97 4.56
N VAL A 145 13.97 -10.29 4.15
CA VAL A 145 14.70 -9.39 5.04
C VAL A 145 14.80 -8.03 4.36
N MET A 146 14.51 -6.96 5.11
CA MET A 146 14.75 -5.62 4.60
C MET A 146 15.22 -4.70 5.71
N GLU A 147 15.63 -3.50 5.32
CA GLU A 147 15.93 -2.43 6.27
C GLU A 147 14.85 -2.31 7.35
N LEU A 148 15.28 -2.17 8.60
CA LEU A 148 14.32 -1.94 9.69
C LEU A 148 13.85 -0.49 9.67
N MET A 149 12.55 -0.28 9.69
CA MET A 149 12.04 1.08 9.67
C MET A 149 11.62 1.44 11.08
N ASP A 150 10.98 2.60 11.22
CA ASP A 150 10.66 3.09 12.54
C ASP A 150 9.20 2.95 12.92
N ALA A 151 8.30 2.89 11.94
CA ALA A 151 6.87 2.99 12.23
C ALA A 151 6.08 2.65 10.98
N ASN A 152 4.85 2.20 11.20
CA ASN A 152 3.93 2.03 10.07
C ASN A 152 3.21 3.37 9.86
N LEU A 153 2.70 3.59 8.66
CA LEU A 153 2.03 4.84 8.32
C LEU A 153 0.76 5.04 9.15
N CYS A 154 0.11 3.95 9.60
CA CYS A 154 -1.03 4.08 10.50
C CYS A 154 -0.67 4.87 11.75
N GLN A 155 0.50 4.62 12.30
CA GLN A 155 0.87 5.37 13.50
C GLN A 155 1.07 6.83 13.17
N VAL A 156 1.73 7.11 12.05
CA VAL A 156 1.98 8.48 11.64
C VAL A 156 0.66 9.23 11.43
N ILE A 157 -0.33 8.55 10.84
CA ILE A 157 -1.65 9.14 10.60
C ILE A 157 -2.29 9.60 11.89
N GLN A 158 -2.04 8.92 13.01
CA GLN A 158 -2.68 9.34 14.24
C GLN A 158 -2.04 10.58 14.87
N MET A 159 -0.94 11.08 14.30
CA MET A 159 -0.21 12.22 14.84
C MET A 159 -0.71 13.51 14.23
N GLU A 160 -0.61 14.60 14.98
CA GLU A 160 -0.75 15.92 14.40
C GLU A 160 0.54 16.24 13.66
N LEU A 161 0.47 16.38 12.34
CA LEU A 161 1.67 16.61 11.55
C LEU A 161 1.63 17.98 10.88
N ASP A 162 2.79 18.63 10.83
CA ASP A 162 2.86 19.89 10.11
C ASP A 162 2.62 19.65 8.62
N HIS A 163 2.57 20.75 7.86
CA HIS A 163 2.45 20.65 6.41
C HIS A 163 3.73 20.15 5.77
N GLU A 164 4.90 20.48 6.35
CA GLU A 164 6.15 20.07 5.71
C GLU A 164 6.27 18.55 5.71
N ARG A 165 5.87 17.90 6.81
CA ARG A 165 5.92 16.44 6.86
C ARG A 165 4.81 15.78 6.05
N MET A 166 3.57 16.27 6.19
CA MET A 166 2.49 15.71 5.38
C MET A 166 2.82 15.79 3.90
N SER A 167 3.20 16.99 3.44
CA SER A 167 3.50 17.15 2.01
C SER A 167 4.66 16.25 1.58
N TYR A 168 5.61 15.99 2.49
CA TYR A 168 6.77 15.17 2.14
C TYR A 168 6.44 13.68 2.08
N LEU A 169 5.61 13.20 3.01
CA LEU A 169 5.11 11.83 2.91
C LEU A 169 4.29 11.62 1.62
N LEU A 170 3.40 12.57 1.31
CA LEU A 170 2.60 12.47 0.10
C LEU A 170 3.48 12.50 -1.14
N TYR A 171 4.44 13.42 -1.16
CA TYR A 171 5.38 13.47 -2.26
C TYR A 171 6.02 12.11 -2.46
N GLN A 172 6.42 11.47 -1.37
CA GLN A 172 7.12 10.21 -1.49
C GLN A 172 6.17 9.10 -1.93
N MET A 173 4.93 9.10 -1.41
CA MET A 173 3.98 8.09 -1.90
C MET A 173 3.75 8.25 -3.39
N LEU A 174 3.67 9.49 -3.86
CA LEU A 174 3.48 9.76 -5.28
C LEU A 174 4.70 9.34 -6.09
N CYS A 175 5.92 9.53 -5.56
CA CYS A 175 7.10 9.07 -6.29
C CYS A 175 7.10 7.56 -6.42
N GLY A 176 6.81 6.85 -5.32
CA GLY A 176 6.76 5.40 -5.38
C GLY A 176 5.75 4.91 -6.42
N ILE A 177 4.50 5.29 -6.24
CA ILE A 177 3.44 5.01 -7.21
C ILE A 177 3.92 5.25 -8.64
N LYS A 178 4.55 6.42 -8.88
CA LYS A 178 5.04 6.71 -10.22
C LYS A 178 6.06 5.69 -10.68
N HIS A 179 7.00 5.32 -9.79
CA HIS A 179 7.93 4.25 -10.12
C HIS A 179 7.16 2.97 -10.49
N LEU A 180 6.22 2.57 -9.64
CA LEU A 180 5.45 1.36 -9.96
C LEU A 180 4.83 1.45 -11.34
N HIS A 181 4.12 2.56 -11.63
CA HIS A 181 3.43 2.70 -12.91
C HIS A 181 4.42 2.64 -14.07
N SER A 182 5.55 3.33 -13.95
CA SER A 182 6.54 3.29 -15.03
C SER A 182 7.07 1.89 -15.26
N ALA A 183 6.96 1.01 -14.26
CA ALA A 183 7.37 -0.37 -14.41
C ALA A 183 6.23 -1.28 -14.84
N GLY A 184 5.10 -0.71 -15.25
CA GLY A 184 3.96 -1.51 -15.65
C GLY A 184 3.15 -2.06 -14.50
N ILE A 185 3.37 -1.57 -13.30
CA ILE A 185 2.69 -2.06 -12.12
C ILE A 185 1.68 -1.01 -11.66
N ILE A 186 0.39 -1.35 -11.70
CA ILE A 186 -0.66 -0.49 -11.15
C ILE A 186 -1.20 -1.16 -9.89
N HIS A 187 -1.11 -0.46 -8.76
CA HIS A 187 -1.19 -1.12 -7.47
C HIS A 187 -2.61 -1.57 -7.15
N ARG A 188 -3.54 -0.62 -7.10
CA ARG A 188 -4.97 -0.76 -6.87
C ARG A 188 -5.34 -1.12 -5.44
N ASP A 189 -4.38 -1.34 -4.53
CA ASP A 189 -4.74 -1.60 -3.13
C ASP A 189 -3.76 -0.94 -2.17
N LEU A 190 -3.29 0.25 -2.51
CA LEU A 190 -2.43 1.00 -1.60
C LEU A 190 -3.15 1.32 -0.29
N LYS A 191 -2.52 1.03 0.84
CA LYS A 191 -3.15 1.32 2.12
C LYS A 191 -2.07 1.58 3.17
N PRO A 192 -2.39 2.34 4.23
CA PRO A 192 -1.33 2.76 5.17
C PRO A 192 -0.64 1.61 5.91
N SER A 193 -1.37 0.53 6.21
CA SER A 193 -0.73 -0.58 6.92
C SER A 193 0.40 -1.24 6.11
N ASN A 194 0.49 -1.02 4.80
CA ASN A 194 1.60 -1.54 4.00
C ASN A 194 2.62 -0.47 3.64
N ILE A 195 2.63 0.64 4.38
CA ILE A 195 3.57 1.73 4.15
C ILE A 195 4.30 2.00 5.48
N VAL A 196 5.62 2.16 5.41
CA VAL A 196 6.40 2.38 6.62
C VAL A 196 7.32 3.56 6.42
N VAL A 197 7.73 4.18 7.55
CA VAL A 197 8.47 5.44 7.57
C VAL A 197 9.62 5.34 8.57
N LYS A 198 10.65 6.13 8.33
CA LYS A 198 11.72 6.30 9.30
C LYS A 198 11.52 7.62 10.03
N SER A 199 12.27 7.77 11.13
CA SER A 199 12.21 9.02 11.89
C SER A 199 12.60 10.23 11.05
N ASP A 200 13.47 10.07 10.06
CA ASP A 200 13.84 11.18 9.18
C ASP A 200 12.75 11.50 8.17
N CYS A 201 11.57 10.95 8.41
CA CYS A 201 10.40 11.21 7.59
C CYS A 201 10.44 10.51 6.24
N THR A 202 11.31 9.51 6.06
CA THR A 202 11.38 8.84 4.77
C THR A 202 10.43 7.61 4.78
N LEU A 203 10.06 7.16 3.57
CA LEU A 203 8.85 6.35 3.43
C LEU A 203 9.05 5.28 2.37
N LYS A 204 8.53 4.07 2.63
CA LYS A 204 8.60 2.98 1.65
C LYS A 204 7.26 2.27 1.57
N ILE A 205 6.83 2.01 0.35
CA ILE A 205 5.66 1.17 0.08
C ILE A 205 6.12 -0.28 0.03
N LEU A 206 5.42 -1.15 0.76
CA LEU A 206 5.94 -2.51 0.97
C LEU A 206 5.29 -3.59 0.10
N ASP A 207 4.20 -3.30 -0.64
CA ASP A 207 3.55 -4.39 -1.39
C ASP A 207 3.23 -3.92 -2.81
N PHE A 208 2.67 -4.82 -3.64
CA PHE A 208 2.46 -4.49 -5.04
C PHE A 208 1.00 -4.58 -5.47
N GLY A 209 0.07 -4.65 -4.52
CA GLY A 209 -1.35 -4.48 -4.84
C GLY A 209 -2.00 -5.75 -5.36
N LEU A 210 -3.09 -5.56 -6.11
CA LEU A 210 -3.94 -6.67 -6.53
C LEU A 210 -3.38 -7.42 -7.74
N ALA A 211 -3.67 -8.72 -7.79
CA ALA A 211 -3.29 -9.55 -8.94
C ALA A 211 -4.00 -9.08 -10.23
N SER A 217 -10.27 -15.77 -4.94
CA SER A 217 -9.81 -15.41 -3.60
C SER A 217 -10.72 -15.98 -2.52
N PHE A 218 -10.16 -16.17 -1.32
CA PHE A 218 -10.81 -16.82 -0.17
C PHE A 218 -9.76 -17.52 0.68
N MET A 219 -9.75 -17.23 1.98
CA MET A 219 -8.85 -17.92 2.90
C MET A 219 -9.65 -18.33 4.13
N MET A 220 -9.41 -19.56 4.58
CA MET A 220 -10.08 -20.10 5.76
C MET A 220 -9.56 -19.51 7.05
N THR A 221 -8.62 -18.58 6.99
CA THR A 221 -8.05 -17.98 8.18
C THR A 221 -9.00 -16.91 8.72
N PRO A 222 -8.72 -16.40 9.92
CA PRO A 222 -9.48 -15.24 10.42
C PRO A 222 -9.03 -13.92 9.83
N TYR A 223 -7.96 -13.91 9.05
CA TYR A 223 -7.42 -12.69 8.49
C TYR A 223 -8.47 -11.97 7.65
N VAL A 224 -8.42 -10.64 7.66
CA VAL A 224 -9.46 -9.81 7.06
C VAL A 224 -8.83 -8.70 6.23
N VAL A 225 -9.39 -8.46 5.07
CA VAL A 225 -8.82 -7.53 4.09
C VAL A 225 -9.37 -6.13 4.33
N THR A 226 -8.48 -5.16 4.46
CA THR A 226 -8.84 -3.76 4.63
C THR A 226 -9.06 -3.17 3.25
N ARG A 227 -10.31 -2.74 2.96
CA ARG A 227 -10.70 -2.27 1.63
C ARG A 227 -10.99 -0.77 1.56
N TYR A 228 -10.89 -0.04 2.68
CA TYR A 228 -11.37 1.35 2.72
C TYR A 228 -10.65 2.29 1.76
N TYR A 229 -9.47 1.93 1.24
CA TYR A 229 -8.64 2.85 0.45
C TYR A 229 -8.77 2.57 -1.05
N ARG A 230 -9.68 1.69 -1.41
CA ARG A 230 -9.83 1.26 -2.79
C ARG A 230 -10.68 2.23 -3.60
N ALA A 231 -10.25 2.49 -4.84
CA ALA A 231 -10.94 3.39 -5.71
C ALA A 231 -12.33 2.89 -6.04
N PRO A 232 -13.21 3.80 -6.50
CA PRO A 232 -14.50 3.39 -7.06
C PRO A 232 -14.36 2.37 -8.18
N GLU A 233 -13.40 2.56 -9.09
CA GLU A 233 -13.15 1.57 -10.15
C GLU A 233 -13.05 0.18 -9.56
N VAL A 234 -12.40 0.08 -8.40
CA VAL A 234 -12.20 -1.22 -7.78
C VAL A 234 -13.46 -1.65 -7.06
N ILE A 235 -14.06 -0.73 -6.30
CA ILE A 235 -15.30 -1.06 -5.60
C ILE A 235 -16.35 -1.55 -6.59
N LEU A 236 -16.43 -0.93 -7.75
CA LEU A 236 -17.52 -1.20 -8.68
C LEU A 236 -17.11 -2.03 -9.88
N GLY A 237 -15.90 -2.59 -9.90
CA GLY A 237 -15.49 -3.47 -10.97
C GLY A 237 -15.44 -2.83 -12.34
N MET A 238 -14.83 -1.65 -12.43
CA MET A 238 -14.71 -0.95 -13.69
C MET A 238 -13.33 -1.21 -14.28
N GLY A 239 -13.15 -0.79 -15.53
CA GLY A 239 -11.81 -0.52 -16.01
C GLY A 239 -11.11 0.45 -15.09
N TYR A 240 -9.78 0.48 -15.21
CA TYR A 240 -8.95 1.35 -14.38
C TYR A 240 -7.72 1.70 -15.19
N LYS A 241 -7.05 2.78 -14.80
CA LYS A 241 -5.74 3.14 -15.33
C LYS A 241 -4.89 3.62 -14.15
N GLU A 242 -3.77 4.28 -14.45
CA GLU A 242 -2.79 4.69 -13.44
C GLU A 242 -3.43 5.36 -12.21
N ASN A 243 -4.33 6.32 -12.43
CA ASN A 243 -4.78 7.17 -11.32
C ASN A 243 -5.84 6.49 -10.45
N VAL A 244 -6.12 5.20 -10.68
CA VAL A 244 -6.78 4.41 -9.65
C VAL A 244 -6.06 4.61 -8.29
N ASP A 245 -4.74 4.72 -8.32
CA ASP A 245 -3.96 4.81 -7.07
C ASP A 245 -4.02 6.21 -6.44
N ILE A 246 -4.29 7.24 -7.22
CA ILE A 246 -4.46 8.58 -6.67
C ILE A 246 -5.61 8.61 -5.67
N TRP A 247 -6.69 7.88 -5.97
CA TRP A 247 -7.78 7.82 -5.02
C TRP A 247 -7.27 7.38 -3.66
N SER A 248 -6.49 6.30 -3.63
CA SER A 248 -6.00 5.80 -2.35
C SER A 248 -5.08 6.81 -1.65
N VAL A 249 -4.23 7.50 -2.42
CA VAL A 249 -3.42 8.57 -1.83
C VAL A 249 -4.34 9.63 -1.23
N GLY A 250 -5.50 9.87 -1.88
CA GLY A 250 -6.43 10.88 -1.35
C GLY A 250 -7.10 10.44 -0.08
N CYS A 251 -7.35 9.12 0.06
CA CYS A 251 -8.00 8.61 1.26
C CYS A 251 -7.04 8.68 2.44
N ILE A 252 -5.76 8.43 2.17
CA ILE A 252 -4.72 8.55 3.18
C ILE A 252 -4.55 10.01 3.59
N MET A 253 -4.28 10.88 2.62
CA MET A 253 -4.19 12.31 2.92
C MET A 253 -5.38 12.79 3.72
N GLY A 254 -6.59 12.41 3.29
CA GLY A 254 -7.78 12.84 3.98
C GLY A 254 -7.81 12.35 5.41
N GLU A 255 -7.40 11.10 5.62
CA GLU A 255 -7.43 10.57 6.98
C GLU A 255 -6.32 11.20 7.86
N MET A 256 -5.21 11.64 7.26
CA MET A 256 -4.20 12.35 8.05
C MET A 256 -4.75 13.62 8.65
N VAL A 257 -5.66 14.28 7.94
CA VAL A 257 -6.24 15.59 8.38
C VAL A 257 -7.42 15.31 9.30
N ARG A 258 -8.23 14.34 8.94
CA ARG A 258 -9.45 14.07 9.69
C ARG A 258 -9.24 13.14 10.89
N HIS A 259 -8.21 12.28 10.84
CA HIS A 259 -7.99 11.23 11.84
C HIS A 259 -9.20 10.31 12.01
N LYS A 260 -9.86 10.02 10.88
CA LYS A 260 -10.90 9.00 10.80
C LYS A 260 -10.87 8.44 9.37
N ILE A 261 -11.07 7.12 9.24
CA ILE A 261 -11.21 6.53 7.91
C ILE A 261 -12.25 7.32 7.12
N LEU A 262 -11.92 7.74 5.91
CA LEU A 262 -12.91 8.50 5.14
C LEU A 262 -14.12 7.63 4.76
N PHE A 263 -13.89 6.40 4.29
CA PHE A 263 -14.98 5.61 3.71
C PHE A 263 -15.04 4.22 4.33
N PRO A 264 -15.44 4.12 5.61
CA PRO A 264 -15.52 2.82 6.27
C PRO A 264 -16.69 1.99 5.78
N GLY A 265 -16.81 0.76 6.28
CA GLY A 265 -17.97 -0.06 5.96
C GLY A 265 -17.72 -1.54 6.08
N ARG A 266 -18.77 -2.31 6.42
CA ARG A 266 -18.62 -3.75 6.52
C ARG A 266 -18.17 -4.36 5.21
N ASP A 267 -18.68 -3.86 4.09
CA ASP A 267 -18.20 -4.28 2.78
C ASP A 267 -18.50 -3.16 1.79
N TYR A 268 -18.33 -3.45 0.49
CA TYR A 268 -18.45 -2.41 -0.52
C TYR A 268 -19.81 -1.71 -0.46
N ILE A 269 -20.87 -2.40 0.00
CA ILE A 269 -22.19 -1.77 0.07
C ILE A 269 -22.14 -0.56 0.99
N ASP A 270 -21.71 -0.79 2.24
CA ASP A 270 -21.52 0.30 3.21
C ASP A 270 -20.56 1.33 2.65
N GLN A 271 -19.44 0.89 2.11
CA GLN A 271 -18.40 1.81 1.64
C GLN A 271 -18.91 2.76 0.57
N TRP A 272 -19.57 2.22 -0.45
CA TRP A 272 -20.09 3.06 -1.51
C TRP A 272 -20.98 4.14 -0.92
N ASN A 273 -21.89 3.74 -0.02
CA ASN A 273 -22.75 4.70 0.67
C ASN A 273 -21.93 5.86 1.25
N LYS A 274 -20.84 5.54 1.95
CA LYS A 274 -20.00 6.60 2.53
C LYS A 274 -19.41 7.51 1.46
N VAL A 275 -19.02 6.96 0.32
CA VAL A 275 -18.49 7.77 -0.78
C VAL A 275 -19.55 8.76 -1.28
N ILE A 276 -20.76 8.28 -1.55
CA ILE A 276 -21.74 9.19 -2.15
C ILE A 276 -22.29 10.16 -1.10
N GLU A 277 -22.49 9.71 0.14
CA GLU A 277 -22.94 10.65 1.17
C GLU A 277 -22.05 11.88 1.24
N GLN A 278 -20.73 11.70 1.08
CA GLN A 278 -19.80 12.81 1.28
C GLN A 278 -19.47 13.53 -0.02
N LEU A 279 -19.12 12.79 -1.06
CA LEU A 279 -18.80 13.42 -2.35
C LEU A 279 -20.00 13.64 -3.26
N GLY A 280 -21.16 13.07 -2.96
CA GLY A 280 -22.33 13.17 -3.82
C GLY A 280 -22.36 12.12 -4.92
N THR A 281 -23.55 11.90 -5.43
CA THR A 281 -23.75 10.98 -6.56
C THR A 281 -22.91 11.39 -7.76
N PRO A 282 -22.19 10.48 -8.40
CA PRO A 282 -21.41 10.85 -9.59
C PRO A 282 -22.33 11.22 -10.77
N CYS A 283 -21.76 12.02 -11.70
CA CYS A 283 -22.39 12.52 -12.94
C CYS A 283 -22.97 11.39 -13.79
N PRO A 284 -23.81 11.70 -14.79
CA PRO A 284 -24.28 10.63 -15.69
C PRO A 284 -23.15 10.07 -16.52
N GLU A 285 -22.18 10.90 -16.89
CA GLU A 285 -21.04 10.44 -17.68
C GLU A 285 -20.33 9.29 -16.97
N PHE A 286 -20.18 9.38 -15.64
CA PHE A 286 -19.61 8.28 -14.87
C PHE A 286 -20.48 7.03 -14.97
N MET A 287 -21.81 7.21 -14.94
CA MET A 287 -22.74 6.09 -15.02
C MET A 287 -22.56 5.26 -16.29
N LYS A 288 -22.36 5.93 -17.43
CA LYS A 288 -22.24 5.23 -18.72
C LYS A 288 -21.07 4.25 -18.74
N LYS A 289 -20.09 4.40 -17.84
CA LYS A 289 -18.96 3.51 -17.80
C LYS A 289 -19.22 2.26 -16.96
N LEU A 290 -20.38 2.18 -16.31
CA LEU A 290 -20.66 1.10 -15.39
C LEU A 290 -21.23 -0.10 -16.15
N GLN A 291 -20.81 -1.31 -15.78
CA GLN A 291 -21.41 -2.48 -16.40
C GLN A 291 -22.90 -2.44 -16.12
N PRO A 292 -23.74 -3.05 -16.97
CA PRO A 292 -25.18 -2.79 -16.86
C PRO A 292 -25.76 -3.12 -15.49
N THR A 293 -25.32 -4.19 -14.84
CA THR A 293 -25.89 -4.54 -13.55
C THR A 293 -25.39 -3.62 -12.43
N VAL A 294 -24.10 -3.35 -12.36
CA VAL A 294 -23.61 -2.41 -11.34
C VAL A 294 -24.24 -1.04 -11.56
N ARG A 295 -24.30 -0.59 -12.81
CA ARG A 295 -24.95 0.67 -13.15
C ARG A 295 -26.36 0.78 -12.57
N ASN A 296 -27.17 -0.28 -12.73
CA ASN A 296 -28.53 -0.25 -12.20
C ASN A 296 -28.53 -0.10 -10.68
N TYR A 297 -27.57 -0.75 -10.01
CA TYR A 297 -27.45 -0.64 -8.56
C TYR A 297 -27.08 0.76 -8.11
N VAL A 298 -26.04 1.37 -8.70
CA VAL A 298 -25.63 2.69 -8.20
C VAL A 298 -26.67 3.78 -8.53
N GLU A 299 -27.37 3.67 -9.67
CA GLU A 299 -28.37 4.68 -10.02
C GLU A 299 -29.61 4.63 -9.13
N ASN A 300 -29.85 3.52 -8.44
CA ASN A 300 -31.03 3.38 -7.61
C ASN A 300 -30.76 3.63 -6.14
N ARG A 301 -29.51 3.91 -5.77
CA ARG A 301 -29.22 4.42 -4.45
C ARG A 301 -29.77 5.85 -4.34
N PRO A 302 -30.09 6.30 -3.12
CA PRO A 302 -30.52 7.70 -2.95
C PRO A 302 -29.50 8.65 -3.57
N LYS A 303 -30.01 9.67 -4.27
CA LYS A 303 -29.15 10.71 -4.84
C LYS A 303 -28.73 11.67 -3.72
N TYR A 304 -27.43 11.91 -3.61
CA TYR A 304 -26.88 12.74 -2.55
C TYR A 304 -26.17 13.93 -3.17
N ALA A 305 -26.37 15.11 -2.55
CA ALA A 305 -25.74 16.32 -3.06
C ALA A 305 -24.23 16.31 -2.86
N GLY A 306 -23.76 15.70 -1.76
CA GLY A 306 -22.35 15.74 -1.45
C GLY A 306 -21.97 17.04 -0.79
N LEU A 307 -21.06 16.99 0.16
CA LEU A 307 -20.63 18.17 0.89
C LEU A 307 -19.45 18.84 0.20
N THR A 308 -19.36 20.15 0.31
CA THR A 308 -18.22 20.85 -0.25
C THR A 308 -16.94 20.41 0.47
N PHE A 309 -15.78 20.75 -0.10
CA PHE A 309 -14.55 20.28 0.52
C PHE A 309 -14.11 21.13 1.72
N PRO A 310 -14.53 22.39 1.82
CA PRO A 310 -14.38 23.06 3.13
C PRO A 310 -15.22 22.41 4.20
N LYS A 311 -16.42 21.95 3.85
CA LYS A 311 -17.25 21.26 4.85
C LYS A 311 -16.63 19.92 5.23
N LEU A 312 -16.06 19.20 4.25
CA LEU A 312 -15.50 17.86 4.51
C LEU A 312 -14.17 17.94 5.24
N PHE A 313 -13.43 19.03 5.08
CA PHE A 313 -12.14 19.23 5.74
C PHE A 313 -12.07 20.68 6.20
N PRO A 314 -12.82 21.03 7.23
CA PRO A 314 -12.89 22.43 7.68
C PRO A 314 -11.54 22.98 8.11
N ASP A 315 -11.48 24.31 8.24
CA ASP A 315 -10.23 24.97 8.58
C ASP A 315 -9.71 24.54 9.94
N SER A 316 -10.62 24.24 10.89
CA SER A 316 -10.21 23.75 12.21
C SER A 316 -9.31 22.52 12.13
N LEU A 317 -9.40 21.72 11.07
CA LEU A 317 -8.50 20.58 10.98
C LEU A 317 -7.09 20.96 10.57
N PHE A 318 -6.87 22.19 10.10
CA PHE A 318 -5.55 22.52 9.61
C PHE A 318 -4.85 23.52 10.53
N PRO A 319 -3.56 23.35 10.76
CA PRO A 319 -2.77 24.46 11.28
C PRO A 319 -2.95 25.68 10.39
N ALA A 320 -3.35 26.79 11.00
CA ALA A 320 -3.70 28.01 10.28
C ALA A 320 -3.45 29.24 11.14
N ASP A 321 -2.31 29.24 11.84
CA ASP A 321 -1.91 30.37 12.68
C ASP A 321 -1.09 31.41 11.92
N SER A 322 -0.25 30.97 10.99
CA SER A 322 0.60 31.86 10.20
C SER A 322 0.03 31.98 8.81
N GLU A 323 0.42 33.05 8.11
CA GLU A 323 0.08 33.18 6.70
C GLU A 323 0.55 31.95 5.92
N HIS A 324 1.79 31.51 6.17
CA HIS A 324 2.31 30.30 5.53
C HIS A 324 1.36 29.13 5.72
N ASN A 325 0.90 28.88 6.94
CA ASN A 325 0.01 27.75 7.19
C ASN A 325 -1.38 27.97 6.60
N LYS A 326 -1.85 29.22 6.56
CA LYS A 326 -3.14 29.49 5.95
C LYS A 326 -3.11 29.13 4.48
N LEU A 327 -2.03 29.49 3.78
CA LEU A 327 -1.89 29.14 2.38
C LEU A 327 -1.78 27.63 2.19
N LYS A 328 -0.94 26.97 3.01
CA LYS A 328 -0.78 25.53 2.88
C LYS A 328 -2.09 24.79 3.13
N ALA A 329 -2.92 25.30 4.03
CA ALA A 329 -4.23 24.68 4.23
C ALA A 329 -5.05 24.68 2.95
N SER A 330 -5.14 25.84 2.30
CA SER A 330 -5.99 25.92 1.10
C SER A 330 -5.39 25.11 -0.04
N GLN A 331 -4.06 24.99 -0.07
CA GLN A 331 -3.42 24.10 -1.03
C GLN A 331 -3.69 22.64 -0.72
N ALA A 332 -3.60 22.26 0.55
CA ALA A 332 -3.93 20.89 0.94
C ALA A 332 -5.35 20.53 0.52
N ARG A 333 -6.31 21.41 0.83
CA ARG A 333 -7.70 21.10 0.48
C ARG A 333 -7.89 21.05 -1.03
N ASP A 334 -7.23 21.95 -1.75
CA ASP A 334 -7.33 21.93 -3.20
C ASP A 334 -6.89 20.59 -3.76
N LEU A 335 -5.74 20.10 -3.31
CA LEU A 335 -5.24 18.81 -3.77
C LEU A 335 -6.21 17.68 -3.40
N LEU A 336 -6.70 17.69 -2.16
CA LEU A 336 -7.71 16.70 -1.76
C LEU A 336 -8.88 16.71 -2.72
N SER A 337 -9.40 17.90 -3.05
CA SER A 337 -10.56 18.00 -3.93
C SER A 337 -10.26 17.51 -5.34
N LYS A 338 -9.00 17.29 -5.69
CA LYS A 338 -8.68 16.79 -7.02
C LYS A 338 -8.36 15.30 -7.02
N MET A 339 -8.09 14.73 -5.84
CA MET A 339 -7.76 13.32 -5.66
C MET A 339 -8.99 12.52 -5.31
N LEU A 340 -9.85 13.08 -4.47
CA LEU A 340 -11.06 12.42 -4.01
C LEU A 340 -12.19 12.78 -4.98
N VAL A 341 -12.02 12.29 -6.20
CA VAL A 341 -12.92 12.52 -7.32
C VAL A 341 -13.41 11.16 -7.78
N ILE A 342 -14.73 10.92 -7.71
CA ILE A 342 -15.25 9.58 -7.99
C ILE A 342 -14.88 9.15 -9.41
N ASP A 343 -15.07 10.04 -10.36
CA ASP A 343 -14.89 9.67 -11.76
C ASP A 343 -13.41 9.76 -12.15
N PRO A 344 -12.76 8.63 -12.46
CA PRO A 344 -11.31 8.70 -12.79
C PRO A 344 -11.00 9.60 -13.97
N ALA A 345 -11.96 9.83 -14.87
CA ALA A 345 -11.68 10.71 -15.98
C ALA A 345 -11.53 12.15 -15.54
N LYS A 346 -12.03 12.49 -14.35
CA LYS A 346 -11.88 13.83 -13.78
C LYS A 346 -10.90 13.89 -12.64
N ARG A 347 -10.39 12.74 -12.17
CA ARG A 347 -9.43 12.67 -11.06
C ARG A 347 -8.04 13.03 -11.55
N ILE A 348 -7.30 13.76 -10.71
CA ILE A 348 -5.99 14.24 -11.11
C ILE A 348 -5.05 13.05 -11.31
N SER A 349 -4.07 13.20 -12.19
CA SER A 349 -3.12 12.14 -12.50
C SER A 349 -1.95 12.18 -11.53
N VAL A 350 -1.12 11.15 -11.59
CA VAL A 350 0.06 11.13 -10.74
C VAL A 350 1.00 12.28 -11.09
N ASP A 351 1.19 12.54 -12.39
CA ASP A 351 2.14 13.58 -12.81
C ASP A 351 1.63 14.97 -12.45
N ASP A 352 0.34 15.22 -12.61
CA ASP A 352 -0.18 16.53 -12.23
C ASP A 352 -0.22 16.70 -10.72
N ALA A 353 -0.49 15.63 -9.97
CA ALA A 353 -0.43 15.75 -8.52
C ALA A 353 0.98 16.06 -8.05
N LEU A 354 2.01 15.59 -8.77
CA LEU A 354 3.38 15.89 -8.38
C LEU A 354 3.76 17.34 -8.65
N GLN A 355 3.03 18.01 -9.55
CA GLN A 355 3.17 19.44 -9.88
C GLN A 355 2.25 20.32 -9.06
N HIS A 356 1.33 19.75 -8.29
CA HIS A 356 0.50 20.56 -7.42
C HIS A 356 1.39 21.36 -6.46
N PRO A 357 1.03 22.61 -6.16
CA PRO A 357 1.88 23.41 -5.27
C PRO A 357 2.06 22.83 -3.87
N TYR A 358 1.06 22.10 -3.37
CA TYR A 358 1.22 21.47 -2.07
C TYR A 358 2.39 20.50 -2.08
N ILE A 359 2.63 19.86 -3.21
CA ILE A 359 3.57 18.73 -3.30
C ILE A 359 4.91 19.15 -3.91
N ASN A 360 4.91 20.03 -4.92
CA ASN A 360 6.10 20.17 -5.74
C ASN A 360 7.21 20.96 -5.07
N VAL A 361 7.01 21.50 -3.86
CA VAL A 361 8.12 22.10 -3.15
C VAL A 361 9.20 21.06 -2.90
N TRP A 362 8.88 19.76 -3.00
CA TRP A 362 9.88 18.71 -2.84
C TRP A 362 10.43 18.19 -4.17
N TYR A 363 9.86 18.62 -5.30
CA TYR A 363 10.16 18.02 -6.59
C TYR A 363 11.65 18.03 -6.88
N ASP A 364 12.17 16.87 -7.26
CA ASP A 364 13.53 16.70 -7.74
C ASP A 364 13.50 15.73 -8.92
N PRO A 365 14.02 16.11 -10.08
CA PRO A 365 13.97 15.21 -11.24
C PRO A 365 14.58 13.84 -10.99
N ALA A 366 15.65 13.76 -10.20
CA ALA A 366 16.28 12.47 -9.89
C ALA A 366 15.43 11.61 -8.95
N GLU A 367 14.25 12.08 -8.53
CA GLU A 367 13.36 11.33 -7.64
C GLU A 367 12.09 10.83 -8.30
N VAL A 368 11.64 11.47 -9.39
CA VAL A 368 10.34 11.17 -9.98
C VAL A 368 10.50 10.26 -11.20
N GLU A 369 11.59 10.44 -11.95
CA GLU A 369 11.83 9.67 -13.18
C GLU A 369 13.04 8.77 -12.99
N ALA A 370 12.80 7.59 -12.40
CA ALA A 370 13.80 6.55 -12.28
C ALA A 370 13.87 5.71 -13.56
N PRO A 371 15.00 5.07 -13.81
CA PRO A 371 15.12 4.20 -14.99
C PRO A 371 14.35 2.91 -14.79
N PRO A 372 13.40 2.60 -15.67
CA PRO A 372 12.63 1.36 -15.54
C PRO A 372 13.44 0.16 -16.01
N PRO A 373 13.02 -1.06 -15.66
CA PRO A 373 13.73 -2.31 -15.96
C PRO A 373 13.88 -2.60 -17.46
N GLN A 379 7.11 -14.88 -14.02
CA GLN A 379 7.25 -13.46 -14.32
C GLN A 379 5.87 -12.81 -14.50
N LEU A 380 4.99 -13.52 -15.21
CA LEU A 380 3.63 -13.05 -15.46
C LEU A 380 2.58 -13.99 -14.88
N ASP A 381 2.99 -15.06 -14.20
CA ASP A 381 2.15 -16.23 -13.97
C ASP A 381 1.09 -15.94 -12.91
N GLU A 382 -0.14 -15.63 -13.36
CA GLU A 382 -1.33 -15.69 -12.53
C GLU A 382 -2.20 -16.88 -12.86
N ARG A 383 -1.76 -17.76 -13.77
CA ARG A 383 -2.51 -18.97 -14.08
C ARG A 383 -2.85 -19.71 -12.79
N GLU A 384 -3.92 -20.49 -12.86
CA GLU A 384 -4.29 -21.37 -11.76
C GLU A 384 -3.33 -22.55 -11.71
N HIS A 385 -2.58 -22.67 -10.61
CA HIS A 385 -1.68 -23.78 -10.38
C HIS A 385 -2.13 -24.53 -9.14
N THR A 386 -1.66 -25.77 -9.02
CA THR A 386 -1.92 -26.52 -7.79
C THR A 386 -0.89 -26.13 -6.74
N ILE A 387 -1.00 -26.74 -5.56
CA ILE A 387 0.01 -26.52 -4.53
C ILE A 387 1.39 -26.89 -5.07
N GLU A 388 1.52 -28.07 -5.67
CA GLU A 388 2.79 -28.55 -6.17
C GLU A 388 3.45 -27.56 -7.14
N GLU A 389 2.73 -27.15 -8.19
CA GLU A 389 3.34 -26.19 -9.12
C GLU A 389 3.83 -24.94 -8.40
N TRP A 390 2.97 -24.39 -7.52
CA TRP A 390 3.28 -23.14 -6.82
C TRP A 390 4.48 -23.30 -5.90
N LYS A 391 4.60 -24.45 -5.24
CA LYS A 391 5.73 -24.71 -4.35
C LYS A 391 7.06 -24.65 -5.11
N GLU A 392 7.12 -25.29 -6.28
CA GLU A 392 8.35 -25.26 -7.07
C GLU A 392 8.60 -23.87 -7.67
N LEU A 393 7.54 -23.19 -8.13
CA LEU A 393 7.74 -21.86 -8.68
C LEU A 393 8.33 -20.91 -7.63
N ILE A 394 7.79 -20.95 -6.42
CA ILE A 394 8.33 -20.11 -5.34
C ILE A 394 9.74 -20.56 -4.95
N TYR A 395 9.92 -21.87 -4.74
CA TYR A 395 11.23 -22.40 -4.36
C TYR A 395 12.30 -21.92 -5.32
N LYS A 396 12.06 -22.06 -6.62
CA LYS A 396 13.05 -21.67 -7.61
C LYS A 396 13.37 -20.17 -7.46
N GLU A 397 12.36 -19.32 -7.35
CA GLU A 397 12.67 -17.90 -7.18
C GLU A 397 13.50 -17.65 -5.92
N VAL A 398 13.18 -18.34 -4.82
CA VAL A 398 13.95 -18.22 -3.59
C VAL A 398 15.44 -18.48 -3.80
N MET A 399 15.82 -19.47 -4.60
CA MET A 399 17.26 -19.64 -4.81
C MET A 399 17.73 -19.31 -6.22
N ASN A 400 16.85 -18.85 -7.09
CA ASN A 400 17.23 -18.50 -8.47
C ASN A 400 18.03 -19.62 -9.15
#